data_8XTX
#
_entry.id   8XTX
#
_cell.length_a   1.00
_cell.length_b   1.00
_cell.length_c   1.00
_cell.angle_alpha   90.00
_cell.angle_beta   90.00
_cell.angle_gamma   90.00
#
_symmetry.space_group_name_H-M   'P 1'
#
_entity_poly.entity_id   1
_entity_poly.type   'polypeptide(L)'
_entity_poly.pdbx_seq_one_letter_code
;MESAEPAGQARAAATKLSEAVGAALQSKGEELFTGVVPILVELDGDVNGHKFSVRGEGEGDATNGKLTLKFICTTGKLPV
PWPTLVTTLTYGVQCFSRYPDHMKRHDFFKSAMPEGYVQERTISFKDDGTYKTRAEVKFEGDTLVNRIELKGIDFKEDGN
ILGHKLEYNFNSHNVYITADKQKNGIKANFKIRHNVEDGSVQLADHYQQNTPIGDGPVLLPDNHYLSTQSVLSKDPNEKR
DHMVLLEFVTAAGIEPRRQRRLVLVIVCVALLLDNMLYMVIVPIVPDYIAHMRGGGEGPTRTPEVWEPTLPLPTPANASA
YTANTSASPTAAWPAGSALRPRYPTESEDVKIGVLFASKAILQLLVNPLSGPFIDRMSYDVPLLIGLGVMFASTVLFAFA
EDYATLFAARSLQGLGSAFADTSGIAMIADKYPEEPERSRALGVALAFISFGSLVAPPFGGILYEFAGKRVPFLVLAAVS
LFDALLLLAVAKPFSAAARARANLPVGTPIHRLMLDPYIAVVAGALTTCNIPLAFLEPTIATWMKHTMAASEWEMGMAWL
PAFVPHVLGVYLTVRLAARYPHLQWLYGALGLAVIGASSCIVPACRSFAPLVVSLCGLCFGIALVDTALLPTLAFLVDVR
HVSVYGSVYAIADISYSVAYALGPIVAGHIVHSLGFEQLSLGMGLANLLYAPVLLLLRNVGLLTGSGQVQLVESGGALVQ
PGGSLRLSCAASGFPVNRYSMRWYRQAPGKEREWVAGMSSAGDRSSYEDSVKGRFTISRDDARNTVYLQMNSLKPEDTAV
YYCNVNVGFEYWGQGTQVTVSMGWSHPQFEKGGGSGGGSGGSAWSHPQFEK
;
_entity_poly.pdbx_strand_id   A
#
# COMPACT_ATOMS: atom_id res chain seq x y z
N ARG A 258 24.83 -3.53 12.93
CA ARG A 258 23.69 -4.11 13.63
C ARG A 258 22.86 -3.02 14.31
N GLN A 259 22.68 -3.17 15.62
CA GLN A 259 21.90 -2.23 16.42
C GLN A 259 20.58 -2.11 15.64
N ARG A 260 20.22 -0.88 15.29
CA ARG A 260 18.92 -0.61 14.70
C ARG A 260 18.70 -1.34 13.37
N ARG A 261 19.78 -1.72 12.68
CA ARG A 261 19.64 -2.34 11.37
C ARG A 261 18.99 -3.72 11.45
N LEU A 262 19.24 -4.45 12.54
CA LEU A 262 18.65 -5.79 12.67
C LEU A 262 17.14 -5.72 12.80
N VAL A 263 16.62 -4.69 13.46
CA VAL A 263 15.17 -4.54 13.59
C VAL A 263 14.55 -4.22 12.25
N LEU A 264 15.23 -3.42 11.42
CA LEU A 264 14.67 -3.00 10.15
C LEU A 264 14.40 -4.20 9.23
N VAL A 265 15.33 -5.17 9.22
CA VAL A 265 15.13 -6.36 8.39
C VAL A 265 13.90 -7.14 8.86
N ILE A 266 13.74 -7.29 10.17
CA ILE A 266 12.62 -8.04 10.71
C ILE A 266 11.30 -7.36 10.35
N VAL A 267 11.24 -6.04 10.50
CA VAL A 267 10.02 -5.29 10.15
C VAL A 267 9.75 -5.39 8.65
N CYS A 268 10.80 -5.25 7.83
CA CYS A 268 10.63 -5.26 6.38
C CYS A 268 10.10 -6.61 5.90
N VAL A 269 10.63 -7.72 6.44
CA VAL A 269 10.14 -9.03 6.06
C VAL A 269 8.70 -9.22 6.54
N ALA A 270 8.35 -8.66 7.70
CA ALA A 270 6.99 -8.75 8.19
C ALA A 270 6.01 -8.00 7.29
N LEU A 271 6.49 -7.13 6.41
CA LEU A 271 5.65 -6.44 5.44
C LEU A 271 5.63 -7.11 4.08
N LEU A 272 6.70 -7.79 3.70
CA LEU A 272 6.70 -8.53 2.43
C LEU A 272 5.69 -9.67 2.47
N LEU A 273 5.70 -10.46 3.53
CA LEU A 273 4.72 -11.52 3.70
C LEU A 273 3.34 -10.98 4.01
N ASP A 274 3.26 -9.72 4.48
CA ASP A 274 1.96 -9.14 4.81
C ASP A 274 1.19 -8.79 3.55
N ASN A 275 1.87 -8.21 2.56
CA ASN A 275 1.22 -7.84 1.30
C ASN A 275 1.07 -9.03 0.37
N MET A 276 1.77 -10.14 0.63
CA MET A 276 1.57 -11.35 -0.16
C MET A 276 0.15 -11.89 -0.01
N LEU A 277 -0.48 -11.66 1.14
CA LEU A 277 -1.76 -12.28 1.47
C LEU A 277 -2.95 -11.41 1.09
N TYR A 278 -2.74 -10.20 0.72
CA TYR A 278 -3.95 -9.44 0.50
C TYR A 278 -4.13 -9.57 -1.00
N MET A 279 -3.16 -10.17 -1.65
CA MET A 279 -3.25 -10.24 -3.12
C MET A 279 -2.94 -11.65 -3.63
N VAL A 280 -2.98 -12.69 -2.81
CA VAL A 280 -2.83 -14.06 -3.33
C VAL A 280 -4.18 -14.71 -3.21
N ILE A 281 -5.20 -14.09 -2.65
CA ILE A 281 -6.53 -14.64 -2.44
C ILE A 281 -7.55 -14.17 -3.45
N VAL A 282 -7.22 -13.15 -4.26
CA VAL A 282 -8.20 -12.62 -5.21
C VAL A 282 -8.60 -13.66 -6.26
N PRO A 283 -7.69 -14.38 -6.93
CA PRO A 283 -8.11 -15.40 -7.88
C PRO A 283 -8.64 -16.68 -7.24
N ILE A 284 -8.48 -16.85 -5.93
CA ILE A 284 -8.95 -18.06 -5.25
C ILE A 284 -10.42 -17.94 -4.83
N VAL A 285 -10.88 -16.73 -4.52
CA VAL A 285 -12.24 -16.56 -4.00
C VAL A 285 -13.30 -17.07 -4.97
N PRO A 286 -13.31 -16.68 -6.26
CA PRO A 286 -14.45 -17.07 -7.08
C PRO A 286 -14.32 -18.46 -7.72
N ASP A 287 -13.51 -19.32 -7.11
CA ASP A 287 -13.47 -20.73 -7.45
C ASP A 287 -14.36 -21.57 -6.56
N TYR A 288 -14.95 -20.98 -5.52
CA TYR A 288 -15.74 -21.71 -4.55
C TYR A 288 -17.20 -21.30 -4.52
N ILE A 289 -17.50 -20.01 -4.35
CA ILE A 289 -18.88 -19.56 -4.29
C ILE A 289 -19.54 -19.63 -5.66
N ALA A 290 -18.82 -19.22 -6.71
CA ALA A 290 -19.39 -19.17 -8.05
C ALA A 290 -19.77 -20.56 -8.54
N GLU A 348 -26.03 -10.85 -9.13
CA GLU A 348 -25.40 -11.92 -8.37
C GLU A 348 -23.92 -11.65 -8.16
N ASP A 349 -23.36 -10.76 -8.98
CA ASP A 349 -21.95 -10.38 -8.86
C ASP A 349 -21.72 -9.22 -7.91
N VAL A 350 -22.78 -8.60 -7.41
CA VAL A 350 -22.62 -7.51 -6.45
C VAL A 350 -22.30 -8.05 -5.06
N LYS A 351 -22.79 -9.24 -4.74
CA LYS A 351 -22.50 -9.84 -3.44
C LYS A 351 -21.02 -10.15 -3.28
N ILE A 352 -20.37 -10.62 -4.35
CA ILE A 352 -18.95 -10.95 -4.26
C ILE A 352 -18.09 -9.70 -4.24
N GLY A 353 -18.61 -8.56 -4.67
CA GLY A 353 -17.82 -7.34 -4.64
C GLY A 353 -17.55 -6.85 -3.23
N VAL A 354 -18.53 -6.97 -2.34
CA VAL A 354 -18.37 -6.48 -0.97
C VAL A 354 -17.31 -7.28 -0.23
N LEU A 355 -17.20 -8.58 -0.51
CA LEU A 355 -16.20 -9.41 0.17
C LEU A 355 -14.79 -8.91 -0.12
N PHE A 356 -14.52 -8.52 -1.38
CA PHE A 356 -13.22 -7.98 -1.72
C PHE A 356 -12.98 -6.61 -1.12
N ALA A 357 -14.04 -5.87 -0.81
CA ALA A 357 -13.91 -4.55 -0.20
C ALA A 357 -13.96 -4.58 1.32
N SER A 358 -14.00 -5.77 1.92
CA SER A 358 -14.05 -5.85 3.38
C SER A 358 -12.73 -5.43 4.01
N LYS A 359 -11.60 -5.68 3.35
CA LYS A 359 -10.31 -5.32 3.91
C LYS A 359 -10.19 -3.81 4.09
N ALA A 360 -10.56 -3.05 3.07
CA ALA A 360 -10.42 -1.59 3.14
C ALA A 360 -11.50 -0.95 4.00
N ILE A 361 -12.68 -1.58 4.10
CA ILE A 361 -13.75 -1.00 4.91
C ILE A 361 -13.36 -0.97 6.38
N LEU A 362 -12.81 -2.07 6.88
CA LEU A 362 -12.37 -2.10 8.27
C LEU A 362 -11.15 -1.23 8.52
N GLN A 363 -10.37 -0.94 7.47
CA GLN A 363 -9.23 -0.05 7.63
C GLN A 363 -9.66 1.40 7.83
N LEU A 364 -10.91 1.73 7.55
CA LEU A 364 -11.43 3.07 7.75
C LEU A 364 -12.18 3.24 9.07
N LEU A 365 -12.70 2.15 9.64
CA LEU A 365 -13.43 2.21 10.89
C LEU A 365 -12.60 1.83 12.11
N VAL A 366 -11.32 1.51 11.92
CA VAL A 366 -10.46 1.11 13.03
C VAL A 366 -9.29 2.08 13.13
N ASN A 367 -8.88 2.65 12.00
CA ASN A 367 -7.73 3.54 11.99
C ASN A 367 -7.92 4.79 12.84
N PRO A 368 -9.04 5.53 12.76
CA PRO A 368 -9.22 6.65 13.69
C PRO A 368 -9.21 6.24 15.14
N LEU A 369 -9.73 5.05 15.46
CA LEU A 369 -9.72 4.57 16.84
C LEU A 369 -8.35 4.09 17.26
N SER A 370 -7.53 3.61 16.32
CA SER A 370 -6.20 3.09 16.61
C SER A 370 -5.11 4.14 16.46
N GLY A 371 -5.46 5.39 16.15
CA GLY A 371 -4.49 6.44 16.01
C GLY A 371 -3.81 6.77 17.32
N PRO A 372 -4.57 7.30 18.28
CA PRO A 372 -3.99 7.57 19.60
C PRO A 372 -3.51 6.33 20.32
N PHE A 373 -3.95 5.14 19.89
CA PHE A 373 -3.52 3.90 20.53
C PHE A 373 -2.05 3.61 20.27
N ILE A 374 -1.56 3.95 19.08
CA ILE A 374 -0.21 3.57 18.68
C ILE A 374 0.83 4.37 19.45
N ASP A 375 0.64 5.68 19.56
CA ASP A 375 1.65 6.55 20.14
C ASP A 375 1.63 6.56 21.67
N ARG A 376 1.03 5.55 22.29
CA ARG A 376 0.97 5.49 23.75
C ARG A 376 1.88 4.44 24.37
N MET A 377 2.26 3.40 23.63
CA MET A 377 3.13 2.35 24.17
C MET A 377 4.22 1.95 23.19
N SER A 378 4.86 2.94 22.56
CA SER A 378 6.15 2.78 21.91
C SER A 378 6.14 1.72 20.79
N TYR A 379 5.00 1.62 20.10
CA TYR A 379 4.88 0.94 18.80
C TYR A 379 5.20 -0.56 18.85
N ASP A 380 5.40 -1.15 20.04
CA ASP A 380 5.71 -2.57 20.13
C ASP A 380 4.47 -3.45 20.31
N VAL A 381 3.67 -3.15 21.33
CA VAL A 381 2.45 -3.93 21.57
C VAL A 381 1.51 -3.87 20.37
N PRO A 382 1.25 -2.72 19.73
CA PRO A 382 0.42 -2.75 18.52
C PRO A 382 0.98 -3.62 17.42
N LEU A 383 2.31 -3.61 17.21
CA LEU A 383 2.89 -4.45 16.18
C LEU A 383 2.69 -5.93 16.49
N LEU A 384 2.91 -6.32 17.75
CA LEU A 384 2.70 -7.72 18.12
C LEU A 384 1.23 -8.11 17.99
N ILE A 385 0.32 -7.21 18.37
CA ILE A 385 -1.11 -7.49 18.24
C ILE A 385 -1.48 -7.69 16.77
N GLY A 386 -0.98 -6.82 15.89
CA GLY A 386 -1.26 -6.97 14.48
C GLY A 386 -0.73 -8.26 13.91
N LEU A 387 0.51 -8.62 14.28
CA LEU A 387 1.09 -9.87 13.78
C LEU A 387 0.30 -11.07 14.28
N GLY A 388 -0.13 -11.06 15.54
CA GLY A 388 -0.92 -12.16 16.05
C GLY A 388 -2.27 -12.28 15.37
N VAL A 389 -2.95 -11.15 15.15
CA VAL A 389 -4.24 -11.17 14.47
C VAL A 389 -4.08 -11.69 13.05
N MET A 390 -3.01 -11.27 12.37
CA MET A 390 -2.82 -11.72 10.99
C MET A 390 -2.42 -13.18 10.93
N PHE A 391 -1.69 -13.68 11.92
CA PHE A 391 -1.46 -15.12 12.00
C PHE A 391 -2.77 -15.87 12.20
N ALA A 392 -3.65 -15.33 13.04
CA ALA A 392 -4.95 -15.97 13.25
C ALA A 392 -5.76 -15.98 11.96
N SER A 393 -5.70 -14.89 11.20
CA SER A 393 -6.47 -14.76 9.96
C SER A 393 -5.88 -15.56 8.80
N THR A 394 -4.60 -15.89 8.87
CA THR A 394 -3.96 -16.69 7.83
C THR A 394 -4.32 -18.17 7.97
N VAL A 395 -4.51 -18.66 9.20
CA VAL A 395 -4.81 -20.06 9.42
C VAL A 395 -6.31 -20.29 9.24
N LEU A 396 -7.05 -19.20 9.06
CA LEU A 396 -8.49 -19.30 8.79
C LEU A 396 -8.83 -19.31 7.30
N PHE A 397 -8.02 -18.72 6.43
CA PHE A 397 -8.21 -18.81 4.98
C PHE A 397 -8.03 -20.23 4.46
N ALA A 398 -7.37 -21.11 5.20
CA ALA A 398 -7.03 -22.44 4.71
C ALA A 398 -7.98 -23.48 5.28
N PHE A 399 -8.89 -23.04 6.15
CA PHE A 399 -9.89 -23.91 6.76
C PHE A 399 -11.28 -23.46 6.38
N ALA A 400 -11.40 -22.77 5.24
CA ALA A 400 -12.63 -22.11 4.86
C ALA A 400 -13.10 -22.58 3.49
N GLU A 401 -14.41 -22.80 3.37
CA GLU A 401 -15.04 -23.08 2.09
C GLU A 401 -16.32 -22.28 1.84
N ASP A 402 -17.00 -21.78 2.87
CA ASP A 402 -18.26 -21.07 2.73
C ASP A 402 -18.03 -19.57 2.61
N TYR A 403 -19.11 -18.84 2.30
CA TYR A 403 -19.03 -17.40 2.11
C TYR A 403 -18.72 -16.66 3.41
N ALA A 404 -19.43 -17.02 4.50
CA ALA A 404 -19.29 -16.28 5.75
C ALA A 404 -17.89 -16.42 6.32
N THR A 405 -17.31 -17.62 6.24
CA THR A 405 -15.97 -17.84 6.79
C THR A 405 -14.94 -17.00 6.04
N LEU A 406 -15.03 -16.96 4.71
CA LEU A 406 -14.11 -16.13 3.94
C LEU A 406 -14.31 -14.65 4.24
N PHE A 407 -15.56 -14.22 4.42
CA PHE A 407 -15.81 -12.84 4.79
C PHE A 407 -15.15 -12.48 6.11
N ALA A 408 -15.31 -13.36 7.11
CA ALA A 408 -14.69 -13.11 8.42
C ALA A 408 -13.18 -13.09 8.31
N ALA A 409 -12.61 -14.01 7.52
CA ALA A 409 -11.16 -14.05 7.35
C ALA A 409 -10.64 -12.77 6.69
N ARG A 410 -11.34 -12.29 5.67
CA ARG A 410 -10.93 -11.04 5.03
C ARG A 410 -11.01 -9.86 5.99
N SER A 411 -12.08 -9.80 6.79
CA SER A 411 -12.18 -8.72 7.77
C SER A 411 -11.07 -8.77 8.80
N LEU A 412 -10.74 -9.99 9.27
CA LEU A 412 -9.64 -10.13 10.22
C LEU A 412 -8.31 -9.71 9.59
N GLN A 413 -8.10 -10.05 8.32
CA GLN A 413 -6.91 -9.61 7.62
C GLN A 413 -6.83 -8.08 7.55
N GLY A 414 -7.97 -7.44 7.27
CA GLY A 414 -7.98 -5.98 7.25
C GLY A 414 -7.65 -5.36 8.59
N LEU A 415 -8.22 -5.92 9.67
CA LEU A 415 -7.90 -5.42 11.00
C LEU A 415 -6.42 -5.61 11.34
N GLY A 416 -5.87 -6.78 11.00
CA GLY A 416 -4.46 -7.01 11.23
C GLY A 416 -3.57 -6.05 10.47
N SER A 417 -3.92 -5.76 9.21
CA SER A 417 -3.18 -4.79 8.44
C SER A 417 -3.23 -3.41 9.09
N ALA A 418 -4.44 -2.99 9.49
CA ALA A 418 -4.59 -1.67 10.09
C ALA A 418 -3.82 -1.54 11.39
N PHE A 419 -3.67 -2.65 12.13
CA PHE A 419 -2.89 -2.60 13.36
C PHE A 419 -1.39 -2.74 13.15
N ALA A 420 -0.95 -3.39 12.07
CA ALA A 420 0.47 -3.72 11.91
C ALA A 420 1.23 -2.79 11.00
N ASP A 421 0.67 -2.41 9.84
CA ASP A 421 1.43 -1.61 8.89
C ASP A 421 1.80 -0.24 9.45
N THR A 422 0.83 0.41 10.11
CA THR A 422 1.10 1.72 10.69
C THR A 422 2.17 1.64 11.77
N SER A 423 2.10 0.62 12.63
CA SER A 423 3.11 0.47 13.67
C SER A 423 4.48 0.21 13.09
N GLY A 424 4.56 -0.62 12.04
CA GLY A 424 5.85 -0.88 11.42
C GLY A 424 6.46 0.38 10.80
N ILE A 425 5.64 1.15 10.07
CA ILE A 425 6.14 2.38 9.47
C ILE A 425 6.56 3.37 10.55
N ALA A 426 5.79 3.47 11.63
CA ALA A 426 6.15 4.37 12.72
C ALA A 426 7.47 3.96 13.37
N MET A 427 7.68 2.65 13.57
CA MET A 427 8.93 2.18 14.13
C MET A 427 10.10 2.51 13.22
N ILE A 428 9.94 2.30 11.92
CA ILE A 428 11.02 2.60 10.98
C ILE A 428 11.35 4.09 11.00
N ALA A 429 10.32 4.93 11.05
CA ALA A 429 10.56 6.37 11.09
C ALA A 429 11.21 6.79 12.41
N ASP A 430 10.84 6.16 13.52
CA ASP A 430 11.35 6.57 14.83
C ASP A 430 12.79 6.15 15.01
N LYS A 431 13.14 4.93 14.61
CA LYS A 431 14.48 4.42 14.88
C LYS A 431 15.56 5.09 14.05
N TYR A 432 15.20 5.90 13.06
CA TYR A 432 16.18 6.57 12.18
C TYR A 432 15.88 8.06 12.13
N PRO A 433 16.08 8.79 13.23
CA PRO A 433 15.86 10.24 13.17
C PRO A 433 17.07 10.97 12.60
N GLU A 434 16.97 11.39 11.33
CA GLU A 434 18.01 12.13 10.63
C GLU A 434 17.48 12.43 9.23
N GLU A 435 18.19 13.31 8.53
CA GLU A 435 17.81 13.67 7.17
C GLU A 435 18.26 12.64 6.12
N PRO A 436 19.52 12.21 6.11
CA PRO A 436 19.96 11.29 5.04
C PRO A 436 19.74 9.81 5.31
N GLU A 437 19.15 9.43 6.43
CA GLU A 437 18.92 8.03 6.75
C GLU A 437 17.46 7.62 6.81
N ARG A 438 16.57 8.54 7.24
CA ARG A 438 15.15 8.23 7.28
C ARG A 438 14.61 7.95 5.88
N SER A 439 15.03 8.75 4.90
CA SER A 439 14.59 8.52 3.52
C SER A 439 15.05 7.16 3.02
N ARG A 440 16.30 6.78 3.31
CA ARG A 440 16.79 5.48 2.89
C ARG A 440 16.02 4.35 3.53
N ALA A 441 15.73 4.46 4.84
CA ALA A 441 14.97 3.42 5.52
C ALA A 441 13.57 3.29 4.94
N LEU A 442 12.89 4.42 4.72
CA LEU A 442 11.54 4.35 4.17
C LEU A 442 11.55 3.81 2.75
N GLY A 443 12.57 4.16 1.96
CA GLY A 443 12.68 3.58 0.62
C GLY A 443 12.89 2.08 0.64
N VAL A 444 13.71 1.59 1.58
CA VAL A 444 13.89 0.15 1.72
C VAL A 444 12.57 -0.52 2.09
N ALA A 445 11.83 0.08 3.01
CA ALA A 445 10.54 -0.48 3.40
C ALA A 445 9.58 -0.53 2.21
N LEU A 446 9.54 0.54 1.41
CA LEU A 446 8.62 0.58 0.27
C LEU A 446 9.03 -0.43 -0.80
N ALA A 447 10.33 -0.59 -1.03
CA ALA A 447 10.78 -1.60 -1.98
C ALA A 447 10.42 -3.00 -1.52
N PHE A 448 10.57 -3.28 -0.22
CA PHE A 448 10.18 -4.58 0.30
C PHE A 448 8.67 -4.79 0.19
N ILE A 449 7.88 -3.74 0.38
CA ILE A 449 6.43 -3.85 0.19
C ILE A 449 6.11 -4.17 -1.26
N SER A 450 6.75 -3.48 -2.19
CA SER A 450 6.46 -3.69 -3.61
C SER A 450 6.86 -5.09 -4.06
N PHE A 451 7.99 -5.60 -3.55
CA PHE A 451 8.39 -6.96 -3.92
C PHE A 451 7.40 -8.00 -3.43
N GLY A 452 6.62 -7.70 -2.39
CA GLY A 452 5.61 -8.63 -1.95
C GLY A 452 4.27 -8.41 -2.60
N SER A 453 4.06 -7.20 -3.12
CA SER A 453 2.76 -6.84 -3.68
C SER A 453 2.68 -6.98 -5.20
N LEU A 454 3.81 -7.03 -5.91
CA LEU A 454 3.78 -6.98 -7.37
C LEU A 454 4.37 -8.19 -8.08
N VAL A 455 5.24 -8.97 -7.43
CA VAL A 455 5.88 -10.09 -8.10
C VAL A 455 5.53 -11.43 -7.48
N ALA A 456 4.91 -11.46 -6.30
CA ALA A 456 4.62 -12.70 -5.59
C ALA A 456 3.35 -13.42 -6.07
N PRO A 457 2.22 -12.74 -6.27
CA PRO A 457 0.98 -13.45 -6.62
C PRO A 457 1.08 -14.28 -7.88
N PRO A 458 1.84 -13.84 -8.91
CA PRO A 458 2.04 -14.75 -10.06
C PRO A 458 2.61 -16.11 -9.67
N PHE A 459 3.58 -16.14 -8.74
CA PHE A 459 4.13 -17.41 -8.31
C PHE A 459 3.20 -18.15 -7.36
N GLY A 460 2.50 -17.40 -6.51
CA GLY A 460 1.55 -18.01 -5.60
C GLY A 460 0.42 -18.72 -6.33
N GLY A 461 -0.02 -18.17 -7.46
CA GLY A 461 -1.05 -18.83 -8.24
C GLY A 461 -0.62 -20.19 -8.74
N ILE A 462 0.60 -20.27 -9.27
CA ILE A 462 1.13 -21.54 -9.75
C ILE A 462 1.31 -22.51 -8.60
N LEU A 463 1.80 -22.02 -7.45
CA LEU A 463 1.99 -22.90 -6.30
C LEU A 463 0.66 -23.47 -5.81
N TYR A 464 -0.39 -22.63 -5.79
CA TYR A 464 -1.72 -23.12 -5.41
C TYR A 464 -2.24 -24.11 -6.45
N GLU A 465 -2.03 -23.84 -7.73
CA GLU A 465 -2.49 -24.75 -8.77
C GLU A 465 -1.80 -26.10 -8.67
N PHE A 466 -0.56 -26.12 -8.18
CA PHE A 466 0.16 -27.39 -8.04
C PHE A 466 -0.26 -28.12 -6.76
N ALA A 467 -0.12 -27.46 -5.61
CA ALA A 467 -0.34 -28.13 -4.32
C ALA A 467 -1.76 -27.93 -3.81
N GLY A 468 -2.16 -26.70 -3.57
CA GLY A 468 -3.47 -26.42 -3.01
C GLY A 468 -3.43 -25.16 -2.16
N LYS A 469 -4.40 -25.06 -1.26
CA LYS A 469 -4.53 -23.90 -0.39
C LYS A 469 -4.35 -24.21 1.09
N ARG A 470 -4.07 -25.47 1.44
CA ARG A 470 -3.92 -25.86 2.84
C ARG A 470 -2.47 -25.77 3.31
N VAL A 471 -1.57 -26.52 2.64
CA VAL A 471 -0.17 -26.52 3.05
C VAL A 471 0.49 -25.15 2.89
N PRO A 472 0.38 -24.45 1.75
CA PRO A 472 1.07 -23.16 1.64
C PRO A 472 0.64 -22.14 2.67
N PHE A 473 -0.66 -22.09 2.99
CA PHE A 473 -1.13 -21.10 3.96
C PHE A 473 -0.65 -21.44 5.37
N LEU A 474 -0.61 -22.72 5.72
CA LEU A 474 -0.06 -23.12 7.01
C LEU A 474 1.43 -22.79 7.10
N VAL A 475 2.16 -23.01 6.00
CA VAL A 475 3.58 -22.64 5.98
C VAL A 475 3.75 -21.14 6.16
N LEU A 476 2.91 -20.35 5.50
CA LEU A 476 2.98 -18.90 5.65
C LEU A 476 2.68 -18.47 7.08
N ALA A 477 1.69 -19.11 7.70
CA ALA A 477 1.38 -18.82 9.11
C ALA A 477 2.55 -19.16 10.01
N ALA A 478 3.20 -20.30 9.76
CA ALA A 478 4.36 -20.68 10.58
C ALA A 478 5.49 -19.67 10.41
N VAL A 479 5.73 -19.22 9.18
CA VAL A 479 6.80 -18.25 8.95
C VAL A 479 6.48 -16.92 9.63
N SER A 480 5.22 -16.49 9.55
CA SER A 480 4.83 -15.25 10.22
C SER A 480 5.00 -15.36 11.73
N LEU A 481 4.62 -16.50 12.31
CA LEU A 481 4.82 -16.72 13.74
C LEU A 481 6.30 -16.71 14.10
N PHE A 482 7.13 -17.30 13.23
CA PHE A 482 8.57 -17.29 13.46
C PHE A 482 9.11 -15.86 13.48
N ASP A 483 8.66 -15.03 12.53
CA ASP A 483 9.11 -13.64 12.50
C ASP A 483 8.64 -12.88 13.73
N ALA A 484 7.40 -13.11 14.16
CA ALA A 484 6.90 -12.45 15.36
C ALA A 484 7.70 -12.86 16.59
N LEU A 485 8.02 -14.16 16.71
CA LEU A 485 8.82 -14.63 17.84
C LEU A 485 10.22 -14.04 17.80
N LEU A 486 10.81 -13.93 16.60
CA LEU A 486 12.12 -13.31 16.48
C LEU A 486 12.10 -11.86 16.92
N LEU A 487 11.08 -11.11 16.51
CA LEU A 487 10.97 -9.72 16.93
C LEU A 487 10.79 -9.62 18.44
N LEU A 488 9.96 -10.50 19.01
CA LEU A 488 9.75 -10.48 20.45
C LEU A 488 11.04 -10.78 21.21
N ALA A 489 11.84 -11.72 20.69
CA ALA A 489 13.10 -12.06 21.35
C ALA A 489 14.12 -10.94 21.22
N VAL A 490 14.12 -10.25 20.06
CA VAL A 490 15.10 -9.18 19.86
C VAL A 490 14.76 -7.97 20.70
N ALA A 491 13.54 -7.46 20.56
CA ALA A 491 13.09 -6.28 21.29
C ALA A 491 12.16 -6.73 22.41
N LYS A 492 12.50 -6.37 23.65
CA LYS A 492 11.73 -6.81 24.80
C LYS A 492 10.83 -5.68 25.27
N PRO A 493 9.51 -5.78 25.08
CA PRO A 493 8.61 -4.73 25.57
C PRO A 493 8.19 -4.92 27.02
N PHE A 494 8.23 -6.16 27.48
CA PHE A 494 7.79 -6.50 28.84
C PHE A 494 8.94 -6.43 29.84
N SER A 495 9.63 -5.29 29.87
CA SER A 495 10.74 -5.06 30.78
C SER A 495 10.51 -3.78 31.55
N ALA A 496 11.02 -3.75 32.78
CA ALA A 496 10.84 -2.61 33.68
C ALA A 496 11.43 -1.34 33.09
N PRO A 505 5.14 11.98 26.13
CA PRO A 505 4.76 13.14 25.33
C PRO A 505 3.36 13.02 24.76
N VAL A 506 2.46 13.90 25.20
CA VAL A 506 1.06 13.84 24.74
C VAL A 506 1.00 14.27 23.29
N GLY A 507 0.66 13.33 22.40
CA GLY A 507 0.62 13.64 21.00
C GLY A 507 -0.62 14.42 20.59
N THR A 508 -0.55 15.02 19.41
CA THR A 508 -1.67 15.79 18.88
C THR A 508 -2.76 14.85 18.36
N PRO A 509 -3.99 14.99 18.84
CA PRO A 509 -5.07 14.12 18.36
C PRO A 509 -5.36 14.34 16.88
N ILE A 510 -5.91 13.29 16.26
CA ILE A 510 -6.15 13.31 14.82
C ILE A 510 -7.17 14.39 14.46
N HIS A 511 -8.25 14.52 15.24
CA HIS A 511 -9.32 15.44 14.89
C HIS A 511 -8.88 16.90 14.97
N ARG A 512 -7.73 17.20 15.56
CA ARG A 512 -7.12 18.52 15.45
C ARG A 512 -5.88 18.54 14.58
N LEU A 513 -5.28 17.38 14.30
CA LEU A 513 -4.15 17.33 13.39
C LEU A 513 -4.60 17.47 11.93
N MET A 514 -5.83 17.04 11.63
CA MET A 514 -6.30 17.09 10.26
C MET A 514 -6.39 18.51 9.73
N LEU A 515 -6.77 19.47 10.58
CA LEU A 515 -6.91 20.86 10.18
C LEU A 515 -5.54 21.54 10.11
N ASP A 516 -4.69 21.01 9.24
CA ASP A 516 -3.37 21.55 8.99
C ASP A 516 -3.23 21.77 7.49
N PRO A 517 -3.00 23.01 7.03
CA PRO A 517 -2.89 23.25 5.58
C PRO A 517 -1.75 22.52 4.91
N TYR A 518 -0.70 22.15 5.66
CA TYR A 518 0.44 21.46 5.08
C TYR A 518 0.36 19.94 5.18
N ILE A 519 -0.72 19.41 5.75
CA ILE A 519 -0.92 17.97 5.82
C ILE A 519 -2.09 17.51 4.95
N ALA A 520 -3.15 18.30 4.83
CA ALA A 520 -4.29 17.91 4.00
C ALA A 520 -3.89 17.76 2.54
N VAL A 521 -2.99 18.62 2.06
CA VAL A 521 -2.54 18.51 0.67
C VAL A 521 -1.80 17.19 0.45
N VAL A 522 -0.94 16.81 1.39
CA VAL A 522 -0.22 15.54 1.27
C VAL A 522 -1.20 14.37 1.33
N ALA A 523 -2.19 14.45 2.22
CA ALA A 523 -3.19 13.37 2.31
C ALA A 523 -3.97 13.25 1.00
N GLY A 524 -4.35 14.38 0.41
CA GLY A 524 -5.06 14.33 -0.86
C GLY A 524 -4.20 13.78 -1.98
N ALA A 525 -2.93 14.15 -2.01
CA ALA A 525 -2.02 13.59 -3.01
C ALA A 525 -1.88 12.08 -2.84
N LEU A 526 -1.80 11.61 -1.60
CA LEU A 526 -1.71 10.17 -1.35
C LEU A 526 -2.97 9.45 -1.77
N THR A 527 -4.15 10.03 -1.50
CA THR A 527 -5.39 9.37 -1.90
C THR A 527 -5.65 9.48 -3.40
N THR A 528 -5.00 10.42 -4.09
CA THR A 528 -5.20 10.57 -5.52
C THR A 528 -4.22 9.75 -6.34
N CYS A 529 -3.01 9.54 -5.82
CA CYS A 529 -1.96 8.78 -6.57
C CYS A 529 -2.26 7.27 -6.55
N ASN A 530 -3.23 6.83 -5.76
CA ASN A 530 -3.52 5.41 -5.63
C ASN A 530 -4.80 4.98 -6.35
N ILE A 531 -5.53 5.93 -6.93
CA ILE A 531 -6.77 5.58 -7.64
C ILE A 531 -6.51 4.67 -8.84
N PRO A 532 -5.55 4.96 -9.73
CA PRO A 532 -5.38 4.08 -10.90
C PRO A 532 -5.09 2.62 -10.56
N LEU A 533 -4.27 2.37 -9.54
CA LEU A 533 -4.00 0.98 -9.17
C LEU A 533 -5.25 0.29 -8.65
N ALA A 534 -6.05 1.00 -7.85
CA ALA A 534 -7.26 0.42 -7.29
C ALA A 534 -8.35 0.22 -8.33
N PHE A 535 -8.32 0.99 -9.42
CA PHE A 535 -9.37 0.92 -10.43
C PHE A 535 -9.02 0.04 -11.61
N LEU A 536 -7.73 -0.12 -11.94
CA LEU A 536 -7.36 -1.02 -13.03
C LEU A 536 -7.70 -2.46 -12.69
N GLU A 537 -7.45 -2.87 -11.45
CA GLU A 537 -7.92 -4.18 -11.03
C GLU A 537 -9.33 -4.06 -10.45
N PRO A 538 -10.22 -5.01 -10.75
CA PRO A 538 -10.04 -6.19 -11.60
C PRO A 538 -10.61 -6.00 -12.99
N THR A 539 -10.61 -4.78 -13.53
CA THR A 539 -11.21 -4.52 -14.83
C THR A 539 -10.21 -4.60 -15.98
N ILE A 540 -8.95 -4.89 -15.71
CA ILE A 540 -7.98 -4.99 -16.79
C ILE A 540 -8.07 -6.35 -17.47
N ALA A 541 -8.50 -7.38 -16.75
CA ALA A 541 -8.58 -8.72 -17.36
C ALA A 541 -9.71 -8.80 -18.38
N THR A 542 -10.87 -8.24 -18.05
CA THR A 542 -12.00 -8.23 -18.98
C THR A 542 -11.77 -7.29 -20.16
N TRP A 543 -10.75 -6.45 -20.11
CA TRP A 543 -10.37 -5.62 -21.25
C TRP A 543 -9.29 -6.31 -22.08
N MET A 544 -8.38 -7.04 -21.43
CA MET A 544 -7.40 -7.83 -22.15
C MET A 544 -8.07 -8.94 -22.96
N LYS A 545 -8.92 -9.73 -22.31
CA LYS A 545 -9.49 -10.90 -22.96
C LYS A 545 -10.51 -10.53 -24.04
N HIS A 546 -11.07 -9.33 -23.97
CA HIS A 546 -12.18 -8.93 -24.84
C HIS A 546 -11.60 -8.42 -26.15
N THR A 547 -11.51 -9.30 -27.15
CA THR A 547 -11.27 -9.06 -28.57
C THR A 547 -9.80 -8.77 -28.90
N MET A 548 -8.89 -8.66 -27.93
CA MET A 548 -7.48 -8.42 -28.25
C MET A 548 -6.63 -9.60 -27.80
N ALA A 549 -6.59 -10.64 -28.65
CA ALA A 549 -5.54 -11.65 -28.71
C ALA A 549 -4.93 -12.03 -27.36
N ALA A 550 -5.76 -12.23 -26.34
CA ALA A 550 -5.26 -12.46 -24.99
C ALA A 550 -5.18 -13.95 -24.72
N SER A 551 -4.00 -14.42 -24.33
CA SER A 551 -3.81 -15.78 -23.87
C SER A 551 -4.01 -15.81 -22.36
N GLU A 552 -3.64 -16.93 -21.72
CA GLU A 552 -3.77 -17.03 -20.27
C GLU A 552 -2.51 -16.63 -19.53
N TRP A 553 -1.33 -16.76 -20.16
CA TRP A 553 -0.10 -16.34 -19.52
C TRP A 553 -0.03 -14.82 -19.38
N GLU A 554 -0.38 -14.11 -20.45
CA GLU A 554 -0.34 -12.64 -20.43
C GLU A 554 -1.60 -12.04 -19.84
N MET A 555 -2.03 -12.57 -18.69
CA MET A 555 -3.01 -11.93 -17.82
C MET A 555 -2.51 -11.90 -16.39
N GLY A 556 -1.80 -12.94 -15.96
CA GLY A 556 -1.09 -12.97 -14.71
C GLY A 556 0.37 -12.61 -14.83
N MET A 557 0.91 -12.53 -16.05
CA MET A 557 2.29 -12.09 -16.25
C MET A 557 2.36 -10.68 -16.84
N ALA A 558 1.33 -9.86 -16.61
CA ALA A 558 1.32 -8.50 -17.09
C ALA A 558 1.69 -7.47 -16.03
N TRP A 559 1.78 -7.87 -14.78
CA TRP A 559 2.16 -6.97 -13.69
C TRP A 559 3.52 -7.33 -13.11
N LEU A 560 4.10 -8.45 -13.54
CA LEU A 560 5.39 -8.88 -12.98
C LEU A 560 6.52 -8.03 -13.57
N PRO A 561 6.57 -7.78 -14.89
CA PRO A 561 7.57 -6.81 -15.38
C PRO A 561 7.20 -5.36 -15.06
N ALA A 562 6.86 -5.10 -13.79
CA ALA A 562 6.48 -3.76 -13.35
C ALA A 562 7.15 -3.53 -12.00
N PHE A 563 8.31 -4.14 -11.80
CA PHE A 563 9.01 -4.07 -10.52
C PHE A 563 10.32 -3.31 -10.66
N VAL A 564 11.03 -3.54 -11.77
CA VAL A 564 12.29 -2.83 -12.00
C VAL A 564 12.10 -1.32 -12.06
N PRO A 565 11.11 -0.79 -12.78
CA PRO A 565 10.88 0.67 -12.70
C PRO A 565 10.57 1.17 -11.30
N HIS A 566 9.88 0.36 -10.48
CA HIS A 566 9.55 0.80 -9.13
C HIS A 566 10.79 0.97 -8.27
N VAL A 567 11.66 -0.05 -8.23
CA VAL A 567 12.86 0.06 -7.43
C VAL A 567 13.80 1.12 -8.01
N LEU A 568 13.84 1.24 -9.34
CA LEU A 568 14.66 2.29 -9.94
C LEU A 568 14.18 3.67 -9.52
N GLY A 569 12.86 3.89 -9.51
CA GLY A 569 12.34 5.17 -9.07
C GLY A 569 12.60 5.43 -7.60
N VAL A 570 12.45 4.41 -6.77
CA VAL A 570 12.72 4.58 -5.33
C VAL A 570 14.18 4.96 -5.11
N TYR A 571 15.10 4.24 -5.77
CA TYR A 571 16.51 4.53 -5.63
C TYR A 571 16.85 5.93 -6.14
N LEU A 572 16.29 6.31 -7.30
CA LEU A 572 16.57 7.62 -7.86
C LEU A 572 16.07 8.74 -6.95
N THR A 573 14.87 8.59 -6.40
CA THR A 573 14.34 9.63 -5.53
C THR A 573 15.12 9.71 -4.23
N VAL A 574 15.52 8.57 -3.66
CA VAL A 574 16.32 8.60 -2.45
C VAL A 574 17.66 9.27 -2.71
N ARG A 575 18.29 8.94 -3.84
CA ARG A 575 19.58 9.55 -4.17
C ARG A 575 19.45 11.04 -4.39
N LEU A 576 18.39 11.48 -5.08
CA LEU A 576 18.22 12.90 -5.36
C LEU A 576 17.72 13.69 -4.17
N ALA A 577 17.19 13.02 -3.14
CA ALA A 577 16.76 13.73 -1.94
C ALA A 577 17.92 14.15 -1.07
N ALA A 578 19.11 13.60 -1.29
CA ALA A 578 20.27 13.95 -0.48
C ALA A 578 21.06 15.11 -1.08
N ARG A 579 21.26 15.11 -2.41
CA ARG A 579 21.96 16.21 -3.05
C ARG A 579 21.19 17.52 -2.92
N TYR A 580 19.87 17.46 -3.10
CA TYR A 580 19.02 18.64 -2.94
C TYR A 580 18.10 18.43 -1.75
N PRO A 581 18.37 19.05 -0.59
CA PRO A 581 17.55 18.79 0.60
C PRO A 581 16.21 19.52 0.57
N HIS A 582 16.20 20.74 0.03
CA HIS A 582 14.98 21.54 0.03
C HIS A 582 13.90 20.90 -0.85
N LEU A 583 14.29 20.39 -2.01
CA LEU A 583 13.33 19.93 -3.02
C LEU A 583 12.71 18.61 -2.58
N GLN A 584 11.47 18.68 -2.09
CA GLN A 584 10.69 17.49 -1.79
C GLN A 584 9.26 17.59 -2.30
N TRP A 585 8.96 18.59 -3.13
CA TRP A 585 7.67 18.72 -3.79
C TRP A 585 7.77 18.56 -5.30
N LEU A 586 8.91 18.90 -5.90
CA LEU A 586 9.07 18.71 -7.34
C LEU A 586 9.00 17.24 -7.71
N TYR A 587 9.59 16.37 -6.89
CA TYR A 587 9.52 14.94 -7.15
C TYR A 587 8.08 14.45 -7.09
N GLY A 588 7.31 14.91 -6.11
CA GLY A 588 5.91 14.52 -6.04
C GLY A 588 5.11 15.01 -7.23
N ALA A 589 5.34 16.25 -7.65
CA ALA A 589 4.63 16.78 -8.81
C ALA A 589 4.98 15.99 -10.06
N LEU A 590 6.26 15.67 -10.26
CA LEU A 590 6.68 14.90 -11.43
C LEU A 590 6.09 13.50 -11.40
N GLY A 591 6.05 12.87 -10.21
CA GLY A 591 5.45 11.56 -10.11
C GLY A 591 3.96 11.57 -10.43
N LEU A 592 3.24 12.58 -9.93
CA LEU A 592 1.82 12.69 -10.25
C LEU A 592 1.61 12.91 -11.74
N ALA A 593 2.46 13.75 -12.36
CA ALA A 593 2.34 13.97 -13.80
C ALA A 593 2.58 12.69 -14.59
N VAL A 594 3.61 11.93 -14.20
CA VAL A 594 3.90 10.67 -14.89
C VAL A 594 2.75 9.69 -14.73
N ILE A 595 2.19 9.61 -13.51
CA ILE A 595 1.07 8.70 -13.26
C ILE A 595 -0.12 9.09 -14.12
N GLY A 596 -0.43 10.38 -14.18
CA GLY A 596 -1.55 10.83 -15.00
C GLY A 596 -1.34 10.55 -16.47
N ALA A 597 -0.14 10.80 -16.99
CA ALA A 597 0.14 10.53 -18.39
C ALA A 597 0.02 9.04 -18.69
N SER A 598 0.53 8.19 -17.80
CA SER A 598 0.43 6.75 -18.00
C SER A 598 -1.01 6.29 -17.98
N SER A 599 -1.82 6.83 -17.06
CA SER A 599 -3.22 6.45 -17.00
C SER A 599 -3.94 6.90 -18.27
N CYS A 600 -3.58 8.06 -18.80
CA CYS A 600 -4.20 8.54 -20.04
C CYS A 600 -3.80 7.70 -21.24
N ILE A 601 -2.56 7.19 -21.26
CA ILE A 601 -2.07 6.47 -22.44
C ILE A 601 -2.33 4.97 -22.35
N VAL A 602 -2.77 4.46 -21.19
CA VAL A 602 -3.05 3.02 -21.08
C VAL A 602 -4.09 2.56 -22.09
N PRO A 603 -5.20 3.27 -22.33
CA PRO A 603 -6.07 2.89 -23.46
C PRO A 603 -5.31 2.97 -24.79
N ALA A 604 -5.91 2.35 -25.81
CA ALA A 604 -5.42 2.42 -27.18
C ALA A 604 -4.01 1.87 -27.31
N CYS A 605 -3.86 0.60 -26.94
CA CYS A 605 -2.62 -0.16 -27.16
C CYS A 605 -3.03 -1.59 -27.51
N ARG A 606 -3.08 -1.88 -28.81
CA ARG A 606 -3.56 -3.16 -29.31
C ARG A 606 -2.46 -4.22 -29.33
N SER A 607 -1.73 -4.34 -28.23
CA SER A 607 -0.64 -5.30 -28.13
C SER A 607 -0.21 -5.40 -26.67
N PHE A 608 0.53 -6.47 -26.37
CA PHE A 608 0.97 -6.71 -25.01
C PHE A 608 2.11 -5.77 -24.60
N ALA A 609 3.08 -5.56 -25.48
CA ALA A 609 4.26 -4.77 -25.12
C ALA A 609 3.95 -3.32 -24.82
N PRO A 610 3.20 -2.57 -25.65
CA PRO A 610 2.87 -1.20 -25.26
C PRO A 610 2.07 -1.11 -23.97
N LEU A 611 1.16 -2.06 -23.73
CA LEU A 611 0.40 -2.05 -22.49
C LEU A 611 1.29 -2.28 -21.29
N VAL A 612 2.23 -3.23 -21.40
CA VAL A 612 3.11 -3.48 -20.26
C VAL A 612 4.06 -2.32 -20.06
N VAL A 613 4.43 -1.59 -21.13
CA VAL A 613 5.26 -0.40 -20.97
C VAL A 613 4.49 0.70 -20.26
N SER A 614 3.21 0.88 -20.60
CA SER A 614 2.39 1.86 -19.90
C SER A 614 2.22 1.49 -18.44
N LEU A 615 2.06 0.19 -18.15
CA LEU A 615 1.99 -0.26 -16.77
C LEU A 615 3.31 0.01 -16.04
N CYS A 616 4.44 -0.19 -16.73
CA CYS A 616 5.74 0.15 -16.15
C CYS A 616 5.80 1.62 -15.75
N GLY A 617 5.38 2.50 -16.66
CA GLY A 617 5.37 3.92 -16.34
C GLY A 617 4.44 4.25 -15.18
N LEU A 618 3.26 3.62 -15.17
CA LEU A 618 2.30 3.85 -14.09
C LEU A 618 2.87 3.45 -12.74
N CYS A 619 3.55 2.30 -12.69
CA CYS A 619 4.13 1.84 -11.43
C CYS A 619 5.33 2.68 -11.04
N PHE A 620 6.12 3.14 -12.02
CA PHE A 620 7.28 3.96 -11.72
C PHE A 620 6.87 5.32 -11.16
N GLY A 621 5.77 5.87 -11.65
CA GLY A 621 5.35 7.18 -11.18
C GLY A 621 4.93 7.19 -9.72
N ILE A 622 4.44 6.06 -9.21
CA ILE A 622 3.94 6.01 -7.83
C ILE A 622 5.07 6.13 -6.83
N ALA A 623 6.21 5.50 -7.11
CA ALA A 623 7.34 5.52 -6.18
C ALA A 623 7.86 6.93 -5.97
N LEU A 624 7.83 7.74 -7.03
CA LEU A 624 8.29 9.13 -6.92
C LEU A 624 7.44 9.90 -5.91
N VAL A 625 6.13 9.70 -5.93
CA VAL A 625 5.26 10.37 -4.96
C VAL A 625 5.47 9.77 -3.58
N ASP A 626 5.59 8.45 -3.49
CA ASP A 626 5.64 7.78 -2.19
C ASP A 626 6.91 8.16 -1.43
N THR A 627 8.08 7.87 -2.00
CA THR A 627 9.31 8.24 -1.31
C THR A 627 9.71 9.67 -1.59
N ALA A 628 8.72 10.56 -1.60
CA ALA A 628 8.92 12.00 -1.46
C ALA A 628 7.90 12.65 -0.57
N LEU A 629 6.73 12.04 -0.38
CA LEU A 629 5.72 12.55 0.53
C LEU A 629 5.56 11.70 1.78
N LEU A 630 6.28 10.58 1.90
CA LEU A 630 6.19 9.82 3.14
C LEU A 630 7.03 10.45 4.25
N PRO A 631 8.32 10.77 4.03
CA PRO A 631 9.07 11.44 5.10
C PRO A 631 8.64 12.87 5.35
N THR A 632 7.91 13.49 4.42
CA THR A 632 7.46 14.87 4.62
C THR A 632 6.51 14.97 5.80
N LEU A 633 5.65 13.96 5.98
CA LEU A 633 4.74 13.97 7.12
C LEU A 633 5.51 13.94 8.44
N ALA A 634 6.53 13.09 8.53
CA ALA A 634 7.35 13.04 9.73
C ALA A 634 8.08 14.37 9.95
N PHE A 635 8.61 14.95 8.88
CA PHE A 635 9.31 16.23 9.02
C PHE A 635 8.37 17.32 9.54
N LEU A 636 7.15 17.39 8.99
CA LEU A 636 6.21 18.41 9.43
C LEU A 636 5.77 18.19 10.86
N VAL A 637 5.45 16.94 11.23
CA VAL A 637 5.01 16.67 12.59
C VAL A 637 6.14 16.90 13.59
N ASP A 638 7.40 16.78 13.14
CA ASP A 638 8.52 17.11 14.02
C ASP A 638 8.72 18.61 14.14
N VAL A 639 8.49 19.36 13.05
CA VAL A 639 8.80 20.78 13.05
C VAL A 639 7.72 21.57 13.78
N ARG A 640 6.46 21.43 13.35
CA ARG A 640 5.39 22.29 13.85
C ARG A 640 4.38 21.54 14.71
N HIS A 641 4.81 20.46 15.36
CA HIS A 641 3.95 19.72 16.27
C HIS A 641 4.85 19.04 17.30
N VAL A 642 4.27 18.12 18.07
CA VAL A 642 5.05 17.35 19.03
C VAL A 642 5.77 16.21 18.31
N SER A 643 6.86 15.74 18.90
CA SER A 643 7.75 14.79 18.25
C SER A 643 7.39 13.36 18.66
N VAL A 644 6.25 12.90 18.16
CA VAL A 644 5.87 11.50 18.23
C VAL A 644 5.33 11.08 16.87
N TYR A 645 5.79 9.93 16.38
CA TYR A 645 5.48 9.49 15.02
C TYR A 645 4.32 8.50 15.10
N GLY A 646 3.12 9.05 15.28
CA GLY A 646 1.92 8.24 15.32
C GLY A 646 0.72 9.08 14.95
N SER A 647 -0.32 8.39 14.49
CA SER A 647 -1.58 9.03 14.09
C SER A 647 -1.38 9.96 12.89
N VAL A 648 -0.17 10.03 12.35
CA VAL A 648 0.10 10.70 11.08
C VAL A 648 0.18 9.69 9.94
N TYR A 649 0.97 8.63 10.13
CA TYR A 649 0.91 7.52 9.19
C TYR A 649 -0.43 6.81 9.25
N ALA A 650 -1.17 6.92 10.36
CA ALA A 650 -2.55 6.47 10.38
C ALA A 650 -3.41 7.30 9.43
N ILE A 651 -3.21 8.61 9.40
CA ILE A 651 -3.92 9.45 8.45
C ILE A 651 -3.53 9.10 7.03
N ALA A 652 -2.24 8.83 6.80
CA ALA A 652 -1.79 8.40 5.48
C ALA A 652 -2.46 7.08 5.07
N ASP A 653 -2.59 6.14 6.01
CA ASP A 653 -3.24 4.88 5.72
C ASP A 653 -4.73 5.06 5.43
N ILE A 654 -5.39 5.97 6.16
CA ILE A 654 -6.78 6.28 5.86
C ILE A 654 -6.90 6.85 4.46
N SER A 655 -5.98 7.73 4.09
CA SER A 655 -5.98 8.28 2.73
C SER A 655 -5.77 7.21 1.68
N TYR A 656 -4.88 6.26 1.96
CA TYR A 656 -4.57 5.20 1.01
C TYR A 656 -5.67 4.14 0.91
N SER A 657 -6.46 3.96 1.95
CA SER A 657 -7.45 2.88 1.99
C SER A 657 -8.85 3.35 1.58
N VAL A 658 -8.95 4.45 0.84
CA VAL A 658 -10.25 4.89 0.33
C VAL A 658 -10.45 4.43 -1.11
N ALA A 659 -9.42 4.56 -1.94
CA ALA A 659 -9.51 4.09 -3.32
C ALA A 659 -9.72 2.58 -3.38
N TYR A 660 -9.04 1.85 -2.50
CA TYR A 660 -9.21 0.39 -2.49
C TYR A 660 -10.59 -0.01 -1.99
N ALA A 661 -11.22 0.83 -1.16
CA ALA A 661 -12.59 0.56 -0.74
C ALA A 661 -13.59 0.90 -1.85
N LEU A 662 -13.33 1.94 -2.62
CA LEU A 662 -14.26 2.38 -3.65
C LEU A 662 -14.08 1.66 -4.99
N GLY A 663 -12.96 0.95 -5.19
CA GLY A 663 -12.68 0.33 -6.46
C GLY A 663 -13.57 -0.84 -6.83
N PRO A 664 -13.44 -1.97 -6.11
CA PRO A 664 -14.13 -3.20 -6.51
C PRO A 664 -15.65 -3.14 -6.44
N ILE A 665 -16.23 -2.00 -6.07
CA ILE A 665 -17.68 -1.85 -6.06
C ILE A 665 -18.18 -0.95 -7.18
N VAL A 666 -17.40 0.08 -7.55
CA VAL A 666 -17.84 1.06 -8.54
C VAL A 666 -17.18 0.85 -9.91
N ALA A 667 -16.02 0.19 -9.96
CA ALA A 667 -15.29 0.05 -11.21
C ALA A 667 -16.10 -0.75 -12.24
N GLY A 668 -16.74 -1.83 -11.81
CA GLY A 668 -17.53 -2.63 -12.74
C GLY A 668 -18.71 -1.86 -13.31
N HIS A 669 -19.42 -1.12 -12.46
CA HIS A 669 -20.53 -0.31 -12.92
C HIS A 669 -20.07 0.75 -13.90
N ILE A 670 -18.96 1.42 -13.60
CA ILE A 670 -18.46 2.48 -14.47
C ILE A 670 -18.04 1.90 -15.82
N VAL A 671 -17.35 0.76 -15.80
CA VAL A 671 -16.90 0.15 -17.05
C VAL A 671 -18.09 -0.30 -17.88
N HIS A 672 -19.10 -0.88 -17.24
CA HIS A 672 -20.29 -1.31 -17.97
C HIS A 672 -21.03 -0.13 -18.57
N SER A 673 -21.08 1.00 -17.86
CA SER A 673 -21.86 2.14 -18.33
C SER A 673 -21.11 2.94 -19.39
N LEU A 674 -19.94 3.48 -19.04
CA LEU A 674 -19.22 4.38 -19.92
C LEU A 674 -18.13 3.71 -20.74
N GLY A 675 -17.71 2.51 -20.38
CA GLY A 675 -16.69 1.80 -21.12
C GLY A 675 -15.29 2.08 -20.59
N PHE A 676 -14.36 1.18 -20.93
CA PHE A 676 -12.99 1.31 -20.49
C PHE A 676 -12.22 2.25 -21.42
N GLU A 677 -12.79 3.43 -21.68
CA GLU A 677 -12.09 4.46 -22.44
C GLU A 677 -12.30 5.86 -21.88
N GLN A 678 -13.27 6.08 -21.00
CA GLN A 678 -13.51 7.38 -20.42
C GLN A 678 -13.11 7.49 -18.96
N LEU A 679 -13.25 6.41 -18.19
CA LEU A 679 -12.80 6.45 -16.80
C LEU A 679 -11.28 6.61 -16.73
N SER A 680 -10.56 6.04 -17.69
CA SER A 680 -9.11 6.21 -17.72
C SER A 680 -8.73 7.67 -17.95
N LEU A 681 -9.40 8.34 -18.89
CA LEU A 681 -9.11 9.75 -19.11
C LEU A 681 -9.55 10.60 -17.92
N GLY A 682 -10.65 10.21 -17.26
CA GLY A 682 -11.05 10.92 -16.06
C GLY A 682 -10.02 10.82 -14.95
N MET A 683 -9.50 9.62 -14.73
CA MET A 683 -8.44 9.44 -13.73
C MET A 683 -7.19 10.22 -14.11
N GLY A 684 -6.82 10.22 -15.40
CA GLY A 684 -5.67 10.98 -15.83
C GLY A 684 -5.83 12.47 -15.63
N LEU A 685 -7.03 12.99 -15.95
CA LEU A 685 -7.28 14.41 -15.75
C LEU A 685 -7.28 14.78 -14.27
N ALA A 686 -7.86 13.92 -13.42
CA ALA A 686 -7.82 14.17 -11.99
C ALA A 686 -6.39 14.14 -11.47
N ASN A 687 -5.57 13.22 -11.98
CA ASN A 687 -4.17 13.16 -11.57
C ASN A 687 -3.40 14.40 -12.01
N LEU A 688 -3.65 14.87 -13.22
CA LEU A 688 -3.09 16.13 -13.69
C LEU A 688 -3.95 17.33 -13.28
N LEU A 689 -4.36 17.38 -12.01
CA LEU A 689 -5.05 18.53 -11.47
C LEU A 689 -4.62 18.78 -10.03
N TYR A 690 -3.63 18.03 -9.55
CA TYR A 690 -3.21 18.11 -8.15
C TYR A 690 -1.74 18.53 -8.07
N ALA A 691 -0.99 18.30 -9.13
CA ALA A 691 0.40 18.76 -9.18
C ALA A 691 0.49 20.27 -8.96
N PRO A 692 -0.35 21.09 -9.60
CA PRO A 692 -0.38 22.51 -9.21
C PRO A 692 -0.73 22.73 -7.75
N VAL A 693 -1.63 21.90 -7.19
CA VAL A 693 -1.96 22.00 -5.77
C VAL A 693 -0.79 21.66 -4.87
N LEU A 694 0.11 20.78 -5.32
CA LEU A 694 1.30 20.40 -4.56
C LEU A 694 2.36 21.50 -4.56
N LEU A 695 2.03 22.68 -5.07
CA LEU A 695 2.97 23.81 -5.08
C LEU A 695 2.97 24.58 -3.78
N LEU A 696 1.97 24.37 -2.92
CA LEU A 696 1.92 25.05 -1.62
C LEU A 696 2.73 24.23 -0.60
N LEU A 697 3.91 23.81 -1.04
CA LEU A 697 4.89 23.13 -0.19
C LEU A 697 6.28 23.62 -0.55
N ARG A 698 6.40 24.91 -0.87
CA ARG A 698 7.65 25.48 -1.32
C ARG A 698 8.48 26.07 -0.21
N ASN A 699 7.86 26.47 0.90
CA ASN A 699 8.58 27.07 2.02
C ASN A 699 8.93 26.07 3.11
N VAL A 700 8.66 24.78 2.91
CA VAL A 700 9.06 23.78 3.90
C VAL A 700 10.57 23.69 3.94
N GLY A 701 11.11 23.52 5.15
CA GLY A 701 12.53 23.61 5.39
C GLY A 701 12.99 24.98 5.84
N LEU A 702 12.19 26.01 5.60
CA LEU A 702 12.46 27.34 6.12
C LEU A 702 11.75 27.59 7.45
N LEU A 703 10.74 26.77 7.77
CA LEU A 703 9.97 26.96 8.99
C LEU A 703 10.86 26.85 10.22
N THR A 704 10.68 27.78 11.15
CA THR A 704 11.47 27.82 12.37
C THR A 704 10.58 27.71 13.60
#